data_4TVM
#
_entry.id   4TVM
#
_cell.length_a   148.767
_cell.length_b   148.767
_cell.length_c   182.797
_cell.angle_alpha   90.00
_cell.angle_beta   90.00
_cell.angle_gamma   120.00
#
_symmetry.space_group_name_H-M   'H 3 2'
#
loop_
_entity.id
_entity.type
_entity.pdbx_description
1 polymer 'Citrate synthase'
2 non-polymer 'OXALOACETATE ION'
3 water water
#
_entity_poly.entity_id   1
_entity_poly.type   'polypeptide(L)'
_entity_poly.pdbx_seq_one_letter_code
;VADTDDTATLRYPGGEIDLQIVHATEGADGIALGPLLAKTGHTTFDVGFANTAAAKSSITYIDGDAGILRYRGYPIDQLA
EKSTFIEVCYLLIYGELPDTDQLAQFTGRIQRHTMLHEDLKRFFDGFPRNAHPMPVLSSVVNALSAYYQDALDPMDNGQV
ELSTIRLLAKLPTIAAYAYKKSVGQPFLYPDNSLTLVENFLRLTFGFPAEPYQADPEVVRALDMLFILHADHEQNCSTST
VRLVGSSRANLFTSISGGINALWGPLHGGANQAVLEMLEGIRDSGDDVSEFVRKVKNREAGVKLMGFGHRVYKNYDPRAR
IVKEQADKILAKLGGDDSLLGIAKELEEAALTDDYFIERKLYPNVDFYTGLIYRALGFPTRMFTVLFALGRLPGWIAHWR
EMHDEGDSKIGRPRQIYTGYTERDYVTIDAR
;
_entity_poly.pdbx_strand_id   A
#
# COMPACT_ATOMS: atom_id res chain seq x y z
N THR A 7 12.98 18.18 27.64
CA THR A 7 13.19 17.05 28.59
C THR A 7 11.88 16.53 29.21
N ALA A 8 11.86 15.24 29.51
CA ALA A 8 10.88 14.61 30.40
C ALA A 8 11.63 13.81 31.45
N THR A 9 10.95 13.47 32.53
CA THR A 9 11.53 12.65 33.57
C THR A 9 10.53 11.53 33.85
N LEU A 10 11.05 10.30 33.91
CA LEU A 10 10.27 9.12 34.24
C LEU A 10 10.74 8.52 35.55
N ARG A 11 9.76 8.15 36.38
CA ARG A 11 10.00 7.60 37.70
C ARG A 11 9.32 6.24 37.77
N TYR A 12 10.11 5.20 37.99
CA TYR A 12 9.65 3.82 37.99
C TYR A 12 10.08 3.24 39.32
N PRO A 13 9.58 2.07 39.65
CA PRO A 13 9.75 1.56 41.01
C PRO A 13 11.19 1.58 41.48
N GLY A 14 12.10 1.17 40.62
CA GLY A 14 13.50 1.40 40.87
C GLY A 14 13.78 2.89 40.87
N GLY A 15 13.17 3.60 39.92
CA GLY A 15 13.30 5.04 39.77
C GLY A 15 14.71 5.33 39.30
N GLU A 16 14.99 6.43 38.61
CA GLU A 16 14.03 7.39 38.10
C GLU A 16 14.79 8.10 36.99
N ILE A 17 14.15 8.45 35.88
CA ILE A 17 14.93 8.87 34.71
C ILE A 17 14.45 10.00 33.78
N ASP A 18 15.45 10.66 33.19
CA ASP A 18 15.30 11.82 32.34
C ASP A 18 15.47 11.47 30.87
N LEU A 19 14.57 11.92 30.02
CA LEU A 19 14.54 11.50 28.62
C LEU A 19 14.55 12.65 27.65
N GLN A 20 15.37 12.57 26.61
CA GLN A 20 15.41 13.65 25.63
C GLN A 20 14.11 13.79 24.86
N ILE A 21 13.85 14.98 24.34
CA ILE A 21 12.65 15.19 23.55
C ILE A 21 13.08 15.51 22.15
N VAL A 22 12.46 14.85 21.20
CA VAL A 22 12.82 15.06 19.82
C VAL A 22 11.64 15.74 19.16
N HIS A 23 11.92 16.83 18.45
CA HIS A 23 10.88 17.72 17.97
C HIS A 23 10.45 17.45 16.56
N ALA A 24 9.15 17.55 16.33
CA ALA A 24 8.56 17.25 15.06
C ALA A 24 8.25 18.55 14.33
N THR A 25 8.54 18.62 13.04
CA THR A 25 8.20 19.81 12.28
C THR A 25 6.71 20.02 12.15
N GLU A 26 5.92 19.01 12.41
CA GLU A 26 4.50 19.20 12.61
C GLU A 26 4.00 17.99 13.33
N GLY A 27 2.94 18.15 14.10
CA GLY A 27 2.32 17.03 14.75
C GLY A 27 3.00 16.76 16.08
N ALA A 28 2.72 15.59 16.63
CA ALA A 28 3.19 15.21 17.96
C ALA A 28 4.68 15.07 17.97
N ASP A 29 5.26 15.43 19.11
CA ASP A 29 6.67 15.26 19.34
C ASP A 29 6.86 13.95 20.07
N GLY A 30 8.10 13.45 20.02
CA GLY A 30 8.47 12.21 20.68
C GLY A 30 9.26 12.43 21.95
N ILE A 31 9.04 11.56 22.93
CA ILE A 31 9.89 11.44 24.11
C ILE A 31 10.86 10.27 23.86
N ALA A 32 12.11 10.59 23.57
CA ALA A 32 13.09 9.57 23.18
C ALA A 32 13.36 8.64 24.34
N LEU A 33 12.97 7.38 24.18
CA LEU A 33 13.42 6.37 25.09
C LEU A 33 14.91 6.39 24.90
N GLY A 34 15.66 6.08 25.95
CA GLY A 34 17.10 6.04 25.83
C GLY A 34 17.46 4.58 25.63
N PRO A 35 18.50 4.11 26.33
CA PRO A 35 18.62 2.69 26.64
C PRO A 35 17.72 2.39 27.85
N LEU A 36 16.42 2.30 27.59
CA LEU A 36 15.44 2.24 28.67
C LEU A 36 15.63 1.08 29.63
N LEU A 37 16.01 -0.10 29.15
CA LEU A 37 16.39 -1.18 30.07
C LEU A 37 17.74 -1.76 29.75
N ALA A 38 18.64 -1.90 30.72
CA ALA A 38 18.85 -0.90 31.74
C ALA A 38 19.42 0.12 30.82
N LYS A 39 19.35 1.41 31.12
CA LYS A 39 19.37 2.01 32.44
C LYS A 39 18.37 1.63 33.52
N THR A 40 17.20 1.09 33.16
CA THR A 40 16.15 0.91 34.15
C THR A 40 15.58 -0.49 34.34
N GLY A 41 16.00 -1.46 33.54
CA GLY A 41 15.37 -2.79 33.61
C GLY A 41 13.86 -2.80 33.39
N HIS A 42 13.35 -1.81 32.66
CA HIS A 42 11.93 -1.76 32.36
C HIS A 42 11.71 -1.53 30.86
N THR A 43 10.54 -1.92 30.38
CA THR A 43 10.11 -1.66 29.00
C THR A 43 8.80 -0.89 28.97
N THR A 44 8.52 -0.26 27.83
CA THR A 44 7.19 0.27 27.60
C THR A 44 6.37 -0.89 27.10
N PHE A 45 5.10 -0.91 27.44
CA PHE A 45 4.17 -1.86 26.87
C PHE A 45 3.12 -1.03 26.12
N ASP A 46 2.91 -1.31 24.84
CA ASP A 46 1.96 -0.53 24.01
C ASP A 46 1.34 -1.37 22.92
N VAL A 47 0.17 -1.90 23.18
CA VAL A 47 -0.54 -2.72 22.21
C VAL A 47 -0.63 -2.06 20.83
N GLY A 48 -0.22 -2.78 19.80
CA GLY A 48 -0.27 -2.31 18.43
C GLY A 48 0.82 -1.31 18.05
N PHE A 49 1.70 -0.96 18.99
CA PHE A 49 2.63 0.17 18.81
C PHE A 49 1.91 1.51 18.60
N ALA A 50 0.68 1.61 19.09
CA ALA A 50 -0.19 2.73 18.70
C ALA A 50 0.40 4.06 19.10
N ASN A 51 1.15 4.06 20.21
CA ASN A 51 1.73 5.30 20.76
C ASN A 51 3.23 5.38 20.66
N THR A 52 3.82 4.43 19.97
CA THR A 52 5.25 4.38 19.81
C THR A 52 5.60 4.67 18.39
N ALA A 53 6.65 5.47 18.20
CA ALA A 53 7.22 5.76 16.90
C ALA A 53 8.64 5.28 16.84
N ALA A 54 9.00 4.53 15.81
CA ALA A 54 10.39 4.08 15.68
C ALA A 54 11.16 4.82 14.59
N ALA A 55 10.48 5.67 13.83
CA ALA A 55 11.15 6.32 12.72
C ALA A 55 10.80 7.78 12.63
N LYS A 56 11.70 8.50 11.98
CA LYS A 56 11.41 9.82 11.54
C LYS A 56 11.16 9.69 10.07
N SER A 57 10.05 10.23 9.57
CA SER A 57 10.02 10.50 8.14
C SER A 57 9.28 11.76 7.80
N SER A 58 9.57 12.24 6.61
CA SER A 58 9.06 13.47 6.15
C SER A 58 8.29 13.19 4.88
N ILE A 59 7.54 12.10 4.88
CA ILE A 59 6.88 11.68 3.67
C ILE A 59 5.39 12.01 3.68
N THR A 60 4.69 11.62 4.73
CA THR A 60 3.30 11.90 4.81
C THR A 60 2.93 12.46 6.16
N TYR A 61 2.20 13.57 6.20
CA TYR A 61 1.75 14.04 7.50
C TYR A 61 0.28 13.88 7.52
N ILE A 62 -0.25 13.41 8.64
CA ILE A 62 -1.67 13.38 8.77
C ILE A 62 -2.13 13.85 10.12
N ASP A 63 -3.26 14.54 10.13
CA ASP A 63 -3.95 14.82 11.37
C ASP A 63 -5.40 14.54 11.16
N GLY A 64 -5.93 13.49 11.76
CA GLY A 64 -7.32 13.11 11.48
C GLY A 64 -8.32 14.06 12.08
N ASP A 65 -7.99 14.53 13.28
CA ASP A 65 -8.88 15.40 13.98
C ASP A 65 -9.01 16.66 13.18
N ALA A 66 -7.94 17.04 12.48
CA ALA A 66 -7.89 18.35 11.80
C ALA A 66 -8.74 18.63 10.53
N GLY A 67 -8.89 17.76 9.53
CA GLY A 67 -8.19 16.51 9.36
C GLY A 67 -7.37 16.64 8.10
N ILE A 68 -6.06 16.48 8.22
CA ILE A 68 -5.13 16.79 7.15
C ILE A 68 -4.49 15.51 6.62
N LEU A 69 -4.28 15.46 5.30
CA LEU A 69 -3.38 14.48 4.69
C LEU A 69 -2.50 15.12 3.64
N ARG A 70 -1.20 15.20 3.87
CA ARG A 70 -0.30 15.74 2.84
C ARG A 70 0.82 14.81 2.38
N TYR A 71 1.13 14.80 1.09
CA TYR A 71 2.34 14.11 0.63
C TYR A 71 3.42 15.16 0.37
N ARG A 72 4.47 15.12 1.19
CA ARG A 72 5.59 16.04 1.08
C ARG A 72 5.15 17.50 1.26
N GLY A 73 4.13 17.71 2.06
CA GLY A 73 3.65 19.06 2.37
C GLY A 73 2.41 19.43 1.59
N TYR A 74 2.11 18.70 0.51
CA TYR A 74 1.05 19.06 -0.42
C TYR A 74 -0.26 18.38 -0.05
N PRO A 75 -1.36 19.13 0.05
CA PRO A 75 -2.58 18.44 0.45
C PRO A 75 -3.19 17.53 -0.61
N ILE A 76 -3.93 16.52 -0.13
CA ILE A 76 -4.41 15.43 -0.94
C ILE A 76 -5.44 15.91 -1.91
N ASP A 77 -6.25 16.89 -1.50
CA ASP A 77 -7.28 17.41 -2.38
C ASP A 77 -6.63 18.06 -3.58
N GLN A 78 -5.50 18.73 -3.39
CA GLN A 78 -4.81 19.37 -4.52
C GLN A 78 -4.17 18.37 -5.50
N LEU A 79 -3.53 17.31 -4.99
CA LEU A 79 -2.90 16.31 -5.89
C LEU A 79 -3.93 15.50 -6.62
N ALA A 80 -4.99 15.14 -5.89
CA ALA A 80 -6.06 14.33 -6.45
C ALA A 80 -6.66 15.06 -7.63
N GLU A 81 -7.03 16.31 -7.38
CA GLU A 81 -7.63 17.15 -8.40
C GLU A 81 -6.64 17.65 -9.45
N LYS A 82 -5.39 17.93 -9.07
CA LYS A 82 -4.42 18.50 -10.05
C LYS A 82 -3.18 17.68 -10.51
N SER A 83 -2.88 16.56 -9.87
CA SER A 83 -1.68 15.79 -10.22
C SER A 83 -2.00 14.55 -11.03
N THR A 84 -1.01 13.66 -11.15
CA THR A 84 -1.25 12.30 -11.65
C THR A 84 -0.62 11.29 -10.73
N PHE A 85 -1.07 10.06 -10.83
CA PHE A 85 -0.45 9.01 -10.08
C PHE A 85 1.07 8.92 -10.29
N ILE A 86 1.55 9.14 -11.51
CA ILE A 86 2.99 9.10 -11.71
C ILE A 86 3.70 10.29 -11.07
N GLU A 87 3.08 11.46 -11.14
CA GLU A 87 3.72 12.64 -10.58
C GLU A 87 3.80 12.44 -9.06
N VAL A 88 2.76 11.82 -8.53
CA VAL A 88 2.67 11.49 -7.13
C VAL A 88 3.69 10.46 -6.70
N CYS A 89 3.90 9.40 -7.52
CA CYS A 89 5.01 8.45 -7.32
C CYS A 89 6.28 9.22 -7.19
N TYR A 90 6.57 10.03 -8.19
CA TYR A 90 7.85 10.77 -8.17
C TYR A 90 7.96 11.59 -6.90
N LEU A 91 6.90 12.33 -6.55
CA LEU A 91 6.98 13.27 -5.46
C LEU A 91 7.30 12.51 -4.22
N LEU A 92 6.51 11.48 -3.93
CA LEU A 92 6.67 10.78 -2.70
C LEU A 92 8.06 10.21 -2.57
N ILE A 93 8.51 9.53 -3.62
CA ILE A 93 9.81 8.88 -3.57
C ILE A 93 10.98 9.86 -3.45
N TYR A 94 11.06 10.88 -4.29
CA TYR A 94 12.22 11.78 -4.24
C TYR A 94 11.93 13.04 -3.46
N GLY A 95 10.70 13.20 -3.01
CA GLY A 95 10.39 14.27 -2.08
C GLY A 95 10.12 15.63 -2.66
N GLU A 96 10.03 15.76 -3.99
CA GLU A 96 9.64 17.02 -4.57
C GLU A 96 8.83 16.79 -5.81
N LEU A 97 8.10 17.81 -6.24
CA LEU A 97 7.47 17.72 -7.57
C LEU A 97 8.58 17.89 -8.61
N PRO A 98 8.41 17.25 -9.79
CA PRO A 98 9.36 17.24 -10.88
C PRO A 98 9.17 18.33 -11.94
N ASP A 99 10.27 18.90 -12.42
CA ASP A 99 10.18 19.83 -13.55
C ASP A 99 9.97 19.00 -14.79
N THR A 100 9.51 19.66 -15.86
CA THR A 100 9.07 18.97 -17.06
C THR A 100 10.00 17.84 -17.56
N ASP A 101 11.30 18.07 -17.58
CA ASP A 101 12.26 17.05 -18.00
C ASP A 101 12.21 15.86 -17.02
N GLN A 102 12.28 16.14 -15.72
CA GLN A 102 12.34 15.08 -14.72
C GLN A 102 11.15 14.12 -14.77
N LEU A 103 9.96 14.65 -15.04
CA LEU A 103 8.74 13.85 -15.07
C LEU A 103 8.72 12.97 -16.29
N ALA A 104 9.17 13.53 -17.41
CA ALA A 104 9.10 12.86 -18.70
C ALA A 104 10.12 11.75 -18.78
N GLN A 105 11.30 12.02 -18.23
CA GLN A 105 12.37 11.06 -18.20
C GLN A 105 12.04 9.93 -17.22
N PHE A 106 11.38 10.28 -16.13
CA PHE A 106 10.90 9.29 -15.15
C PHE A 106 9.77 8.43 -15.72
N THR A 107 8.88 9.11 -16.41
CA THR A 107 7.76 8.52 -17.10
C THR A 107 8.23 7.67 -18.24
N GLY A 108 9.23 8.16 -18.95
CA GLY A 108 9.86 7.39 -20.03
C GLY A 108 10.50 6.12 -19.50
N ARG A 109 11.25 6.24 -18.40
CA ARG A 109 11.97 5.14 -17.79
C ARG A 109 11.02 4.01 -17.37
N ILE A 110 9.88 4.38 -16.80
CA ILE A 110 8.88 3.40 -16.42
C ILE A 110 8.25 2.77 -17.66
N GLN A 111 8.06 3.56 -18.72
CA GLN A 111 7.27 3.06 -19.86
C GLN A 111 8.04 1.98 -20.58
N ARG A 112 9.36 2.02 -20.46
CA ARG A 112 10.20 1.06 -21.19
C ARG A 112 10.53 -0.19 -20.35
N HIS A 113 9.99 -0.32 -19.13
CA HIS A 113 10.21 -1.51 -18.28
C HIS A 113 8.95 -2.29 -17.88
N THR A 114 7.87 -2.13 -18.65
CA THR A 114 6.60 -2.71 -18.27
C THR A 114 6.44 -4.14 -18.70
N MET A 115 7.30 -4.59 -19.62
CA MET A 115 7.23 -5.97 -20.06
C MET A 115 8.01 -6.82 -19.08
N LEU A 116 7.40 -7.92 -18.64
CA LEU A 116 8.08 -8.97 -17.90
C LEU A 116 8.90 -9.83 -18.84
N HIS A 117 9.99 -10.37 -18.31
CA HIS A 117 10.65 -11.54 -18.89
C HIS A 117 9.62 -12.58 -19.29
N GLU A 118 9.68 -13.02 -20.55
CA GLU A 118 8.76 -14.05 -21.05
C GLU A 118 8.62 -15.29 -20.14
N ASP A 119 9.71 -15.72 -19.50
CA ASP A 119 9.63 -16.82 -18.53
C ASP A 119 8.79 -16.46 -17.30
N LEU A 120 8.90 -15.22 -16.85
CA LEU A 120 8.10 -14.74 -15.75
C LEU A 120 6.67 -14.59 -16.16
N LYS A 121 6.46 -14.25 -17.41
CA LYS A 121 5.11 -14.33 -17.99
C LYS A 121 4.57 -15.74 -17.97
N ARG A 122 5.37 -16.69 -18.49
CA ARG A 122 5.00 -18.11 -18.55
C ARG A 122 4.71 -18.73 -17.18
N PHE A 123 5.49 -18.36 -16.17
CA PHE A 123 5.31 -18.77 -14.78
C PHE A 123 3.89 -18.61 -14.25
N PHE A 124 3.10 -17.70 -14.81
CA PHE A 124 1.66 -17.66 -14.52
C PHE A 124 0.94 -18.95 -14.91
N ASP A 125 1.57 -19.72 -15.80
CA ASP A 125 0.97 -20.95 -16.29
C ASP A 125 0.81 -22.03 -15.23
N GLY A 126 1.67 -21.98 -14.21
CA GLY A 126 1.69 -22.98 -13.16
C GLY A 126 0.61 -22.85 -12.12
N PHE A 127 0.04 -21.66 -11.99
CA PHE A 127 -1.06 -21.49 -11.05
C PHE A 127 -2.32 -22.25 -11.53
N PRO A 128 -3.21 -22.56 -10.61
CA PRO A 128 -4.42 -23.35 -10.88
C PRO A 128 -5.41 -22.57 -11.71
N ARG A 129 -6.48 -23.24 -12.15
CA ARG A 129 -7.23 -22.82 -13.33
C ARG A 129 -7.82 -21.40 -13.30
N ASN A 130 -8.49 -21.01 -12.22
CA ASN A 130 -8.78 -19.59 -12.09
C ASN A 130 -8.59 -19.13 -10.68
N ALA A 131 -7.31 -18.96 -10.34
CA ALA A 131 -6.87 -18.70 -8.99
C ALA A 131 -7.02 -17.23 -8.61
N HIS A 132 -7.20 -17.01 -7.32
CA HIS A 132 -7.52 -15.67 -6.81
C HIS A 132 -6.31 -14.78 -7.08
N PRO A 133 -6.51 -13.51 -7.45
CA PRO A 133 -5.31 -12.78 -7.85
C PRO A 133 -4.36 -12.46 -6.70
N MET A 134 -4.88 -12.25 -5.52
CA MET A 134 -4.03 -11.86 -4.44
C MET A 134 -2.90 -12.87 -4.19
N PRO A 135 -3.21 -14.16 -4.20
CA PRO A 135 -2.17 -15.17 -4.05
C PRO A 135 -1.11 -15.16 -5.15
N VAL A 136 -1.58 -15.03 -6.37
CA VAL A 136 -0.73 -15.08 -7.54
C VAL A 136 0.26 -13.95 -7.50
N LEU A 137 -0.21 -12.77 -7.19
CA LEU A 137 0.62 -11.56 -7.08
C LEU A 137 1.69 -11.62 -5.99
N SER A 138 1.38 -12.13 -4.81
CA SER A 138 2.45 -12.27 -3.81
C SER A 138 3.48 -13.28 -4.33
N SER A 139 2.99 -14.34 -4.98
CA SER A 139 3.87 -15.39 -5.42
C SER A 139 4.84 -14.84 -6.44
N VAL A 140 4.31 -14.04 -7.36
CA VAL A 140 5.08 -13.54 -8.50
C VAL A 140 6.07 -12.45 -8.07
N VAL A 141 5.70 -11.65 -7.09
CA VAL A 141 6.59 -10.63 -6.59
C VAL A 141 7.84 -11.21 -5.93
N ASN A 142 7.67 -12.23 -5.08
CA ASN A 142 8.84 -12.95 -4.56
C ASN A 142 9.70 -13.52 -5.68
N ALA A 143 9.06 -14.02 -6.74
CA ALA A 143 9.79 -14.59 -7.87
C ALA A 143 10.61 -13.56 -8.68
N LEU A 144 10.34 -12.28 -8.49
CA LEU A 144 11.10 -11.23 -9.20
C LEU A 144 12.58 -11.31 -8.95
N SER A 145 12.96 -11.68 -7.74
CA SER A 145 14.34 -11.79 -7.38
C SER A 145 14.99 -12.92 -8.17
N ALA A 146 14.18 -13.87 -8.63
CA ALA A 146 14.66 -14.91 -9.53
C ALA A 146 14.98 -14.39 -10.94
N TYR A 147 14.36 -13.30 -11.39
CA TYR A 147 14.54 -12.85 -12.78
C TYR A 147 15.31 -11.56 -12.91
N TYR A 148 15.39 -10.81 -11.82
CA TYR A 148 16.03 -9.52 -11.82
C TYR A 148 17.02 -9.56 -10.67
N GLN A 149 17.86 -10.61 -10.70
CA GLN A 149 19.06 -10.77 -9.85
C GLN A 149 20.01 -9.62 -10.14
N ASP A 150 19.89 -9.13 -11.34
CA ASP A 150 20.58 -7.98 -11.87
C ASP A 150 20.92 -6.84 -10.87
N ALA A 151 19.94 -6.34 -10.12
CA ALA A 151 20.11 -5.10 -9.37
C ALA A 151 19.52 -5.20 -7.99
N LEU A 152 20.00 -6.16 -7.20
CA LEU A 152 19.35 -6.51 -5.95
C LEU A 152 20.08 -5.96 -4.73
N ASP A 153 21.15 -5.20 -4.93
CA ASP A 153 21.94 -4.76 -3.80
C ASP A 153 21.25 -3.58 -3.06
N PRO A 154 20.81 -3.81 -1.82
CA PRO A 154 20.09 -2.77 -1.11
C PRO A 154 20.96 -1.55 -0.87
N MET A 155 22.26 -1.77 -0.73
CA MET A 155 23.19 -0.68 -0.50
C MET A 155 23.53 0.10 -1.74
N ASP A 156 23.63 -0.54 -2.89
CA ASP A 156 24.06 0.17 -4.08
C ASP A 156 22.89 0.92 -4.58
N ASN A 157 22.99 2.23 -4.70
CA ASN A 157 21.94 2.90 -5.40
C ASN A 157 22.27 3.13 -6.83
N GLY A 158 21.21 3.13 -7.61
CA GLY A 158 21.32 3.02 -9.03
C GLY A 158 20.78 1.64 -9.29
N GLN A 159 21.14 0.70 -8.43
CA GLN A 159 20.48 -0.59 -8.38
C GLN A 159 19.12 -0.45 -7.74
N VAL A 160 19.05 0.28 -6.64
CA VAL A 160 17.77 0.58 -6.02
C VAL A 160 16.90 1.36 -6.99
N GLU A 161 17.55 2.21 -7.77
CA GLU A 161 16.87 3.01 -8.71
C GLU A 161 16.25 2.17 -9.82
N LEU A 162 17.00 1.20 -10.31
CA LEU A 162 16.57 0.36 -11.40
C LEU A 162 15.45 -0.57 -10.94
N SER A 163 15.52 -1.10 -9.72
CA SER A 163 14.40 -1.90 -9.22
C SER A 163 13.26 -1.08 -8.63
N THR A 164 13.49 0.20 -8.35
CA THR A 164 12.35 1.10 -8.07
C THR A 164 11.54 1.22 -9.36
N ILE A 165 12.24 1.41 -10.46
CA ILE A 165 11.62 1.52 -11.77
C ILE A 165 10.92 0.23 -12.13
N ARG A 166 11.66 -0.86 -12.11
CA ARG A 166 11.10 -2.18 -12.40
C ARG A 166 9.82 -2.49 -11.63
N LEU A 167 9.75 -2.09 -10.38
CA LEU A 167 8.53 -2.32 -9.58
C LEU A 167 7.38 -1.44 -10.01
N LEU A 168 7.66 -0.16 -10.21
CA LEU A 168 6.59 0.75 -10.61
C LEU A 168 6.05 0.38 -11.98
N ALA A 169 6.93 -0.10 -12.86
CA ALA A 169 6.50 -0.49 -14.22
C ALA A 169 5.81 -1.83 -14.22
N LYS A 170 6.46 -2.82 -13.62
CA LYS A 170 6.02 -4.21 -13.77
C LYS A 170 4.89 -4.68 -12.86
N LEU A 171 4.65 -3.98 -11.75
CA LEU A 171 3.61 -4.42 -10.84
C LEU A 171 2.21 -4.26 -11.35
N PRO A 172 1.92 -3.20 -12.13
CA PRO A 172 0.60 -3.24 -12.77
C PRO A 172 0.47 -4.32 -13.78
N THR A 173 1.53 -4.59 -14.53
CA THR A 173 1.51 -5.70 -15.47
C THR A 173 1.21 -7.01 -14.81
N ILE A 174 1.82 -7.25 -13.65
CA ILE A 174 1.61 -8.46 -12.88
C ILE A 174 0.20 -8.59 -12.35
N ALA A 175 -0.36 -7.48 -11.86
CA ALA A 175 -1.71 -7.49 -11.32
C ALA A 175 -2.71 -7.72 -12.45
N ALA A 176 -2.46 -7.11 -13.62
CA ALA A 176 -3.34 -7.35 -14.75
C ALA A 176 -3.25 -8.81 -15.18
N TYR A 177 -2.07 -9.42 -15.13
CA TYR A 177 -1.98 -10.83 -15.51
C TYR A 177 -2.65 -11.75 -14.52
N ALA A 178 -2.60 -11.40 -13.25
CA ALA A 178 -3.22 -12.21 -12.22
C ALA A 178 -4.73 -12.18 -12.41
N TYR A 179 -5.26 -11.03 -12.83
CA TYR A 179 -6.69 -10.93 -13.18
C TYR A 179 -6.95 -11.83 -14.35
N LYS A 180 -6.17 -11.72 -15.40
CA LYS A 180 -6.48 -12.52 -16.58
C LYS A 180 -6.49 -14.01 -16.26
N LYS A 181 -5.59 -14.38 -15.36
CA LYS A 181 -5.50 -15.74 -14.88
C LYS A 181 -6.73 -16.14 -14.09
N SER A 182 -7.29 -15.22 -13.32
CA SER A 182 -8.42 -15.51 -12.47
C SER A 182 -9.69 -15.78 -13.27
N VAL A 183 -9.64 -15.44 -14.55
CA VAL A 183 -10.72 -15.67 -15.48
C VAL A 183 -9.99 -16.42 -16.56
N GLY A 184 -10.58 -16.63 -17.71
CA GLY A 184 -9.93 -17.54 -18.67
C GLY A 184 -8.99 -16.87 -19.64
N GLN A 185 -8.66 -15.61 -19.42
CA GLN A 185 -8.36 -14.77 -20.56
C GLN A 185 -6.88 -14.64 -20.99
N PRO A 186 -6.67 -14.46 -22.31
CA PRO A 186 -5.32 -14.28 -22.79
C PRO A 186 -4.66 -13.11 -22.14
N PHE A 187 -3.36 -13.17 -21.98
CA PHE A 187 -2.68 -11.99 -21.52
C PHE A 187 -2.45 -11.14 -22.74
N LEU A 188 -2.57 -9.83 -22.60
CA LEU A 188 -2.10 -8.89 -23.65
C LEU A 188 -0.71 -8.38 -23.29
N TYR A 189 -0.12 -7.56 -24.17
CA TYR A 189 1.13 -6.86 -23.88
C TYR A 189 0.95 -5.36 -23.75
N PRO A 190 1.89 -4.66 -23.09
CA PRO A 190 1.94 -3.18 -23.11
C PRO A 190 1.88 -2.54 -24.49
N ASP A 191 1.11 -1.47 -24.61
CA ASP A 191 1.09 -0.58 -25.78
C ASP A 191 1.91 0.65 -25.42
N ASN A 192 3.01 0.90 -26.15
CA ASN A 192 3.84 2.09 -25.88
C ASN A 192 3.12 3.39 -26.02
N SER A 193 1.94 3.35 -26.62
CA SER A 193 1.20 4.55 -26.91
C SER A 193 0.17 4.85 -25.81
N LEU A 194 0.29 4.22 -24.64
CA LEU A 194 -0.64 4.51 -23.59
C LEU A 194 0.12 4.94 -22.38
N THR A 195 -0.65 5.55 -21.49
CA THR A 195 -0.29 5.90 -20.16
C THR A 195 -0.18 4.61 -19.38
N LEU A 196 0.53 4.64 -18.26
CA LEU A 196 0.71 3.47 -17.45
C LEU A 196 -0.64 2.99 -16.96
N VAL A 197 -1.43 3.92 -16.43
CA VAL A 197 -2.74 3.63 -15.86
C VAL A 197 -3.69 3.19 -16.97
N GLU A 198 -3.62 3.84 -18.12
CA GLU A 198 -4.52 3.49 -19.22
C GLU A 198 -4.08 2.14 -19.78
N ASN A 199 -2.78 1.92 -19.83
CA ASN A 199 -2.28 0.67 -20.31
C ASN A 199 -2.60 -0.45 -19.32
N PHE A 200 -2.62 -0.12 -18.03
CA PHE A 200 -2.99 -1.10 -17.03
C PHE A 200 -4.41 -1.57 -17.28
N LEU A 201 -5.29 -0.64 -17.63
CA LEU A 201 -6.70 -0.96 -17.87
C LEU A 201 -6.91 -1.83 -19.09
N ARG A 202 -6.09 -1.67 -20.11
CA ARG A 202 -6.14 -2.54 -21.29
C ARG A 202 -5.70 -3.95 -20.96
N LEU A 203 -4.65 -4.04 -20.15
CA LEU A 203 -4.05 -5.33 -19.81
C LEU A 203 -5.06 -6.11 -19.02
N THR A 204 -5.87 -5.39 -18.27
CA THR A 204 -6.86 -5.96 -17.38
C THR A 204 -8.11 -6.32 -18.12
N PHE A 205 -8.54 -5.46 -19.02
CA PHE A 205 -9.84 -5.59 -19.65
C PHE A 205 -9.79 -5.85 -21.13
N GLY A 206 -8.66 -5.66 -21.77
CA GLY A 206 -8.53 -5.90 -23.20
C GLY A 206 -8.65 -7.36 -23.58
N PHE A 207 -9.29 -7.61 -24.73
CA PHE A 207 -9.23 -8.89 -25.40
C PHE A 207 -8.43 -8.74 -26.66
N PRO A 208 -7.95 -9.84 -27.25
CA PRO A 208 -7.42 -9.76 -28.61
C PRO A 208 -8.54 -9.75 -29.69
N ALA A 209 -9.78 -9.99 -29.30
CA ALA A 209 -10.93 -9.91 -30.21
C ALA A 209 -11.28 -8.52 -30.75
N GLU A 210 -10.83 -7.47 -30.08
CA GLU A 210 -11.09 -6.10 -30.48
C GLU A 210 -10.00 -5.17 -29.98
N PRO A 211 -9.85 -3.99 -30.59
CA PRO A 211 -8.89 -3.04 -30.02
C PRO A 211 -9.50 -2.45 -28.76
N TYR A 212 -8.66 -2.00 -27.83
CA TYR A 212 -9.15 -1.47 -26.60
C TYR A 212 -9.07 0.04 -26.57
N GLN A 213 -10.18 0.68 -26.22
CA GLN A 213 -10.18 2.11 -25.97
C GLN A 213 -10.53 2.30 -24.54
N ALA A 214 -9.67 2.97 -23.79
CA ALA A 214 -9.97 3.25 -22.41
C ALA A 214 -10.96 4.38 -22.32
N ASP A 215 -11.97 4.28 -21.46
CA ASP A 215 -12.86 5.39 -21.22
C ASP A 215 -12.13 6.45 -20.41
N PRO A 216 -12.13 7.71 -20.91
CA PRO A 216 -11.30 8.68 -20.19
C PRO A 216 -11.81 8.96 -18.81
N GLU A 217 -13.11 8.96 -18.64
CA GLU A 217 -13.68 9.14 -17.33
C GLU A 217 -13.23 8.02 -16.42
N VAL A 218 -13.12 6.83 -16.99
CA VAL A 218 -12.62 5.68 -16.25
C VAL A 218 -11.17 5.81 -15.84
N VAL A 219 -10.37 6.31 -16.76
CA VAL A 219 -8.96 6.49 -16.53
C VAL A 219 -8.67 7.45 -15.42
N ARG A 220 -9.32 8.61 -15.50
CA ARG A 220 -9.11 9.69 -14.55
C ARG A 220 -9.59 9.20 -13.22
N ALA A 221 -10.65 8.41 -13.20
CA ALA A 221 -11.14 7.92 -11.94
C ALA A 221 -10.13 6.97 -11.29
N LEU A 222 -9.55 6.07 -12.05
CA LEU A 222 -8.57 5.15 -11.49
C LEU A 222 -7.30 5.87 -11.08
N ASP A 223 -6.82 6.76 -11.95
CA ASP A 223 -5.60 7.52 -11.69
C ASP A 223 -5.71 8.31 -10.40
N MET A 224 -6.82 9.02 -10.24
CA MET A 224 -7.06 9.75 -9.01
C MET A 224 -7.04 8.82 -7.82
N LEU A 225 -7.76 7.70 -7.92
CA LEU A 225 -7.90 6.79 -6.78
C LEU A 225 -6.55 6.21 -6.28
N PHE A 226 -5.58 6.03 -7.17
CA PHE A 226 -4.25 5.64 -6.75
C PHE A 226 -3.53 6.78 -6.06
N ILE A 227 -3.83 8.02 -6.40
CA ILE A 227 -3.28 9.16 -5.65
C ILE A 227 -3.81 9.12 -4.23
N LEU A 228 -5.10 8.88 -4.09
CA LEU A 228 -5.73 8.83 -2.76
C LEU A 228 -5.16 7.75 -1.90
N HIS A 229 -4.69 6.66 -2.52
CA HIS A 229 -4.16 5.50 -1.77
C HIS A 229 -2.65 5.36 -1.85
N ALA A 230 -1.97 6.30 -2.49
CA ALA A 230 -0.53 6.22 -2.62
C ALA A 230 0.31 6.11 -1.33
N ASP A 231 -0.01 6.84 -0.28
CA ASP A 231 0.73 6.69 0.99
C ASP A 231 -0.16 7.02 2.13
N HIS A 232 0.09 6.48 3.31
CA HIS A 232 -0.73 6.82 4.46
C HIS A 232 -0.08 6.59 5.80
N GLU A 233 1.19 6.91 5.94
CA GLU A 233 1.93 6.21 6.97
C GLU A 233 2.30 7.01 8.16
N GLN A 234 2.69 6.30 9.24
CA GLN A 234 2.96 4.83 9.27
C GLN A 234 1.78 3.86 9.28
N ASN A 235 2.05 2.62 8.93
CA ASN A 235 1.04 1.69 8.50
C ASN A 235 1.38 0.31 8.95
N CYS A 236 0.40 -0.60 9.00
CA CYS A 236 0.70 -1.98 9.14
C CYS A 236 1.59 -2.44 8.00
N SER A 237 1.11 -2.19 6.79
CA SER A 237 1.71 -2.63 5.56
C SER A 237 3.07 -2.04 5.39
N THR A 238 3.20 -0.78 5.73
CA THR A 238 4.45 -0.10 5.43
C THR A 238 5.43 -0.27 6.56
N SER A 239 4.93 -0.41 7.78
CA SER A 239 5.81 -0.68 8.89
C SER A 239 6.37 -2.06 8.66
N THR A 240 5.67 -2.87 7.87
CA THR A 240 6.15 -4.21 7.53
C THR A 240 7.21 -4.17 6.47
N VAL A 241 7.05 -3.28 5.51
CA VAL A 241 8.09 -3.07 4.56
C VAL A 241 9.30 -2.54 5.29
N ARG A 242 9.09 -1.69 6.26
CA ARG A 242 10.18 -1.13 7.05
C ARG A 242 10.96 -2.12 7.89
N LEU A 243 10.26 -3.10 8.48
CA LEU A 243 10.85 -4.13 9.31
C LEU A 243 11.72 -5.15 8.52
N VAL A 244 11.20 -5.59 7.40
CA VAL A 244 11.89 -6.50 6.55
C VAL A 244 13.15 -5.81 6.03
N GLY A 245 12.98 -4.54 5.66
CA GLY A 245 14.11 -3.80 5.12
C GLY A 245 15.14 -3.65 6.23
N SER A 246 14.67 -3.75 7.43
CA SER A 246 15.44 -3.60 8.61
C SER A 246 16.56 -4.59 8.62
N SER A 247 16.28 -5.78 8.10
CA SER A 247 17.29 -6.83 8.07
C SER A 247 18.21 -6.66 6.87
N ARG A 248 17.95 -5.63 6.07
CA ARG A 248 18.64 -5.37 4.80
C ARG A 248 18.17 -6.31 3.73
N ALA A 249 16.94 -6.76 3.86
CA ALA A 249 16.32 -7.48 2.78
C ALA A 249 16.32 -6.61 1.55
N ASN A 250 16.20 -7.23 0.37
CA ASN A 250 16.21 -6.44 -0.84
C ASN A 250 14.86 -5.75 -1.05
N LEU A 251 14.79 -4.91 -2.07
CA LEU A 251 13.61 -4.10 -2.31
C LEU A 251 12.39 -4.92 -2.56
N PHE A 252 12.53 -5.95 -3.40
CA PHE A 252 11.41 -6.82 -3.73
C PHE A 252 10.90 -7.57 -2.54
N THR A 253 11.82 -8.05 -1.71
CA THR A 253 11.42 -8.90 -0.60
C THR A 253 10.70 -8.03 0.41
N SER A 254 11.16 -6.79 0.59
CA SER A 254 10.43 -5.85 1.47
C SER A 254 9.02 -5.47 0.96
N ILE A 255 8.84 -5.33 -0.36
CA ILE A 255 7.48 -5.02 -0.91
C ILE A 255 6.55 -6.21 -0.76
N SER A 256 7.11 -7.37 -1.04
CA SER A 256 6.38 -8.56 -0.80
C SER A 256 5.85 -8.61 0.62
N GLY A 257 6.64 -8.25 1.61
CA GLY A 257 6.14 -8.23 2.99
C GLY A 257 5.04 -7.22 3.20
N GLY A 258 5.18 -6.07 2.57
CA GLY A 258 4.08 -5.15 2.54
C GLY A 258 2.88 -5.80 1.91
N ILE A 259 3.08 -6.61 0.87
CA ILE A 259 1.93 -7.19 0.13
C ILE A 259 1.23 -8.25 0.98
N ASN A 260 2.02 -9.03 1.72
CA ASN A 260 1.45 -10.01 2.63
C ASN A 260 0.69 -9.31 3.77
N ALA A 261 1.27 -8.26 4.34
CA ALA A 261 0.57 -7.52 5.44
C ALA A 261 -0.75 -6.97 4.93
N LEU A 262 -0.73 -6.47 3.72
CA LEU A 262 -1.93 -5.95 3.07
C LEU A 262 -3.02 -6.98 2.90
N TRP A 263 -2.64 -8.24 2.73
CA TRP A 263 -3.63 -9.28 2.54
C TRP A 263 -4.39 -9.74 3.78
N GLY A 264 -5.14 -8.83 4.39
CA GLY A 264 -5.92 -9.21 5.57
C GLY A 264 -7.03 -8.21 5.70
N PRO A 265 -8.19 -8.63 6.24
CA PRO A 265 -9.42 -7.82 6.15
C PRO A 265 -9.43 -6.46 6.88
N LEU A 266 -8.64 -6.33 7.94
CA LEU A 266 -8.58 -5.13 8.72
C LEU A 266 -7.85 -4.01 8.03
N HIS A 267 -7.06 -4.38 7.03
CA HIS A 267 -6.16 -3.46 6.36
C HIS A 267 -6.47 -3.41 4.84
N GLY A 268 -5.99 -4.37 4.06
CA GLY A 268 -6.05 -4.22 2.62
C GLY A 268 -7.36 -4.64 2.01
N GLY A 269 -8.09 -5.50 2.72
CA GLY A 269 -9.28 -6.11 2.17
C GLY A 269 -10.50 -5.59 2.86
N ALA A 270 -10.39 -4.39 3.44
CA ALA A 270 -11.53 -3.68 4.01
C ALA A 270 -12.52 -3.34 2.92
N ASN A 271 -12.03 -2.93 1.75
CA ASN A 271 -12.89 -2.74 0.57
C ASN A 271 -13.64 -4.01 0.29
N GLN A 272 -12.92 -5.14 0.25
CA GLN A 272 -13.52 -6.44 -0.04
C GLN A 272 -14.53 -6.87 1.03
N ALA A 273 -14.30 -6.49 2.28
CA ALA A 273 -15.24 -6.82 3.36
C ALA A 273 -16.61 -6.19 3.13
N VAL A 274 -16.60 -4.97 2.61
CA VAL A 274 -17.81 -4.20 2.36
C VAL A 274 -18.66 -4.85 1.29
N LEU A 275 -18.02 -5.25 0.21
CA LEU A 275 -18.74 -5.94 -0.84
C LEU A 275 -19.28 -7.22 -0.32
N GLU A 276 -18.50 -7.91 0.49
CA GLU A 276 -18.91 -9.16 1.06
C GLU A 276 -20.12 -8.92 1.92
N MET A 277 -20.15 -7.78 2.61
CA MET A 277 -21.34 -7.41 3.34
C MET A 277 -22.47 -7.31 2.35
N LEU A 278 -22.19 -6.66 1.25
CA LEU A 278 -23.22 -6.45 0.25
C LEU A 278 -23.71 -7.71 -0.39
N GLU A 279 -22.81 -8.63 -0.69
CA GLU A 279 -23.18 -9.81 -1.45
C GLU A 279 -24.15 -10.67 -0.66
N GLY A 280 -23.91 -10.76 0.64
CA GLY A 280 -24.69 -11.64 1.48
C GLY A 280 -26.13 -11.26 1.31
N ILE A 281 -26.39 -9.98 1.45
CA ILE A 281 -27.73 -9.48 1.48
C ILE A 281 -28.43 -9.95 0.22
N ARG A 282 -27.79 -9.69 -0.91
CA ARG A 282 -28.36 -10.13 -2.18
C ARG A 282 -28.49 -11.65 -2.20
N ASP A 283 -27.92 -12.32 -1.21
CA ASP A 283 -28.06 -13.76 -1.11
C ASP A 283 -28.72 -14.16 0.22
N SER A 284 -29.66 -13.31 0.67
CA SER A 284 -30.46 -13.58 1.85
C SER A 284 -31.61 -12.57 1.87
N GLY A 285 -32.57 -12.73 2.80
CA GLY A 285 -33.64 -11.74 3.01
C GLY A 285 -33.07 -10.42 3.51
N ASP A 286 -33.69 -9.30 3.14
CA ASP A 286 -32.99 -8.00 3.07
C ASP A 286 -33.42 -6.87 4.03
N ASP A 287 -32.49 -5.92 4.21
CA ASP A 287 -32.71 -4.55 4.75
C ASP A 287 -33.32 -4.39 6.16
N VAL A 288 -32.69 -5.00 7.15
CA VAL A 288 -33.23 -4.95 8.53
C VAL A 288 -32.17 -4.63 9.62
N SER A 289 -32.45 -5.03 10.86
CA SER A 289 -31.97 -4.32 12.06
C SER A 289 -31.34 -5.27 13.09
N GLU A 290 -31.12 -4.79 14.30
CA GLU A 290 -30.44 -5.57 15.33
C GLU A 290 -31.39 -6.40 16.18
N ASN A 314 -14.70 13.12 13.19
CA ASN A 314 -13.59 12.71 12.33
C ASN A 314 -14.03 12.50 10.88
N TYR A 315 -13.54 13.35 9.98
CA TYR A 315 -13.78 13.19 8.55
C TYR A 315 -12.45 13.09 7.83
N ASP A 316 -12.37 12.12 6.92
CA ASP A 316 -11.17 11.88 6.15
C ASP A 316 -11.20 12.84 4.98
N PRO A 317 -10.08 13.52 4.67
CA PRO A 317 -10.16 14.33 3.45
C PRO A 317 -10.37 13.50 2.20
N ARG A 318 -9.82 12.29 2.16
CA ARG A 318 -10.03 11.42 1.00
C ARG A 318 -11.49 11.09 0.87
N ALA A 319 -12.06 10.62 1.98
CA ALA A 319 -13.45 10.19 1.96
C ALA A 319 -14.29 11.12 1.10
N ARG A 320 -14.15 12.42 1.34
CA ARG A 320 -15.00 13.40 0.71
C ARG A 320 -14.74 13.48 -0.80
N ILE A 321 -13.48 13.41 -1.20
CA ILE A 321 -13.15 13.41 -2.61
C ILE A 321 -13.74 12.16 -3.22
N VAL A 322 -13.64 11.06 -2.50
CA VAL A 322 -14.08 9.77 -3.02
C VAL A 322 -15.61 9.72 -3.24
N LYS A 323 -16.41 10.23 -2.30
CA LYS A 323 -17.87 10.28 -2.49
C LYS A 323 -18.23 11.04 -3.77
N GLU A 324 -17.45 12.08 -4.04
CA GLU A 324 -17.67 12.93 -5.19
C GLU A 324 -17.48 12.15 -6.49
N GLN A 325 -16.34 11.48 -6.62
CA GLN A 325 -16.08 10.71 -7.83
C GLN A 325 -17.04 9.50 -7.86
N ALA A 326 -17.42 9.00 -6.70
CA ALA A 326 -18.40 7.91 -6.64
C ALA A 326 -19.79 8.27 -7.18
N ASP A 327 -20.31 9.42 -6.77
CA ASP A 327 -21.64 9.85 -7.19
C ASP A 327 -21.75 10.07 -8.71
N LYS A 328 -20.67 10.53 -9.33
CA LYS A 328 -20.65 10.66 -10.79
C LYS A 328 -20.71 9.30 -11.44
N ILE A 329 -19.70 8.47 -11.18
CA ILE A 329 -19.52 7.24 -11.96
C ILE A 329 -20.70 6.30 -11.77
N LEU A 330 -21.31 6.32 -10.57
CA LEU A 330 -22.46 5.47 -10.25
C LEU A 330 -23.71 5.83 -11.07
N GLY A 335 -23.28 -1.06 -8.05
CA GLY A 335 -23.56 -1.77 -6.82
C GLY A 335 -25.03 -2.15 -6.76
N ASP A 336 -25.31 -3.45 -6.59
CA ASP A 336 -26.64 -3.96 -6.94
C ASP A 336 -27.32 -4.84 -5.90
N ASP A 337 -27.78 -4.28 -4.78
CA ASP A 337 -27.57 -2.88 -4.43
C ASP A 337 -27.44 -2.56 -2.93
N SER A 338 -26.75 -1.47 -2.67
CA SER A 338 -26.43 -0.98 -1.34
C SER A 338 -27.07 0.35 -1.03
N LEU A 339 -27.24 1.13 -2.10
CA LEU A 339 -27.49 2.54 -2.00
C LEU A 339 -28.59 2.77 -1.03
N LEU A 340 -29.51 1.82 -0.98
CA LEU A 340 -30.53 1.81 0.02
C LEU A 340 -29.85 1.93 1.35
N GLY A 341 -28.82 1.10 1.54
CA GLY A 341 -28.15 1.06 2.82
C GLY A 341 -27.71 2.45 3.17
N ILE A 342 -27.09 3.12 2.20
CA ILE A 342 -26.51 4.42 2.47
C ILE A 342 -27.60 5.44 2.80
N ALA A 343 -28.62 5.50 1.97
CA ALA A 343 -29.68 6.46 2.17
C ALA A 343 -30.29 6.16 3.51
N LYS A 344 -30.44 4.86 3.72
CA LYS A 344 -31.25 4.35 4.75
C LYS A 344 -30.70 4.76 6.08
N GLU A 345 -29.39 4.74 6.27
CA GLU A 345 -28.91 5.20 7.58
C GLU A 345 -28.26 6.54 7.56
N LEU A 346 -28.43 7.27 6.47
CA LEU A 346 -28.32 8.68 6.60
C LEU A 346 -29.54 9.11 7.41
N GLU A 347 -30.59 8.29 7.40
CA GLU A 347 -31.77 8.66 8.18
C GLU A 347 -31.65 8.59 9.71
N GLU A 348 -31.14 7.48 10.27
CA GLU A 348 -31.42 7.07 11.67
C GLU A 348 -30.28 7.08 12.74
N ALA A 349 -29.05 7.44 12.37
CA ALA A 349 -27.94 7.50 13.36
C ALA A 349 -27.23 8.85 13.40
N VAL A 365 -16.80 5.23 2.54
CA VAL A 365 -15.77 5.43 3.55
C VAL A 365 -14.53 4.71 2.98
N ASP A 366 -14.35 3.45 3.39
CA ASP A 366 -13.79 2.44 2.50
C ASP A 366 -14.92 1.93 1.62
N PHE A 367 -16.14 2.18 2.07
CA PHE A 367 -17.36 1.82 1.38
C PHE A 367 -17.43 2.36 -0.03
N TYR A 368 -17.06 3.63 -0.22
CA TYR A 368 -17.26 4.28 -1.52
C TYR A 368 -16.29 3.75 -2.54
N THR A 369 -15.05 3.48 -2.12
CA THR A 369 -14.03 3.00 -3.05
C THR A 369 -14.39 1.63 -3.62
N GLY A 370 -15.07 0.83 -2.85
CA GLY A 370 -15.49 -0.49 -3.29
C GLY A 370 -16.46 -0.39 -4.45
N LEU A 371 -17.44 0.48 -4.28
CA LEU A 371 -18.50 0.67 -5.27
C LEU A 371 -17.91 1.12 -6.57
N ILE A 372 -17.00 2.09 -6.49
CA ILE A 372 -16.32 2.60 -7.68
C ILE A 372 -15.58 1.50 -8.40
N TYR A 373 -14.67 0.83 -7.70
CA TYR A 373 -13.92 -0.25 -8.34
C TYR A 373 -14.88 -1.19 -9.03
N ARG A 374 -15.93 -1.61 -8.31
CA ARG A 374 -16.92 -2.50 -8.93
C ARG A 374 -17.57 -1.82 -10.11
N ALA A 375 -17.88 -0.54 -9.96
CA ALA A 375 -18.40 0.30 -11.04
C ALA A 375 -17.52 0.28 -12.29
N LEU A 376 -16.20 0.26 -12.09
CA LEU A 376 -15.27 0.23 -13.23
C LEU A 376 -15.12 -1.19 -13.78
N GLY A 377 -15.84 -2.15 -13.21
CA GLY A 377 -15.77 -3.54 -13.67
C GLY A 377 -14.77 -4.44 -12.95
N PHE A 378 -14.20 -3.95 -11.84
CA PHE A 378 -13.27 -4.77 -11.08
C PHE A 378 -14.06 -5.68 -10.19
N PRO A 379 -13.70 -6.98 -10.19
CA PRO A 379 -14.33 -7.92 -9.33
C PRO A 379 -13.72 -7.84 -7.94
N THR A 380 -14.47 -8.28 -6.93
CA THR A 380 -14.14 -7.98 -5.56
C THR A 380 -12.74 -8.46 -5.18
N ARG A 381 -12.29 -9.56 -5.78
CA ARG A 381 -10.98 -10.12 -5.46
C ARG A 381 -9.84 -9.44 -6.22
N MET A 382 -10.11 -8.30 -6.84
CA MET A 382 -9.02 -7.49 -7.34
C MET A 382 -8.80 -6.33 -6.40
N PHE A 383 -9.70 -6.10 -5.44
CA PHE A 383 -9.63 -4.84 -4.65
C PHE A 383 -8.36 -4.66 -3.87
N THR A 384 -7.89 -5.75 -3.25
CA THR A 384 -6.67 -5.63 -2.46
C THR A 384 -5.46 -5.45 -3.36
N VAL A 385 -5.53 -6.03 -4.58
CA VAL A 385 -4.47 -5.88 -5.53
C VAL A 385 -4.40 -4.40 -5.99
N LEU A 386 -5.57 -3.81 -6.21
CA LEU A 386 -5.68 -2.40 -6.61
C LEU A 386 -5.11 -1.56 -5.52
N PHE A 387 -5.36 -1.97 -4.30
CA PHE A 387 -4.80 -1.26 -3.16
C PHE A 387 -3.28 -1.22 -3.21
N ALA A 388 -2.64 -2.38 -3.46
CA ALA A 388 -1.16 -2.47 -3.50
C ALA A 388 -0.53 -1.65 -4.64
N LEU A 389 -1.16 -1.71 -5.81
CA LEU A 389 -0.71 -0.91 -6.95
C LEU A 389 -0.58 0.55 -6.59
N GLY A 390 -1.58 1.07 -5.85
CA GLY A 390 -1.62 2.48 -5.47
C GLY A 390 -0.63 2.77 -4.39
N ARG A 391 -0.56 1.88 -3.40
CA ARG A 391 0.36 2.07 -2.29
C ARG A 391 1.83 1.86 -2.63
N LEU A 392 2.11 1.18 -3.73
CA LEU A 392 3.49 0.84 -4.06
C LEU A 392 4.48 2.00 -3.93
N PRO A 393 4.14 3.18 -4.44
CA PRO A 393 5.07 4.30 -4.33
C PRO A 393 5.40 4.67 -2.86
N GLY A 394 4.44 4.47 -1.99
CA GLY A 394 4.63 4.81 -0.59
C GLY A 394 5.53 3.79 0.05
N TRP A 395 5.21 2.53 -0.20
CA TRP A 395 6.08 1.44 0.23
C TRP A 395 7.47 1.74 -0.15
N ILE A 396 7.66 2.17 -1.38
CA ILE A 396 9.02 2.37 -1.90
C ILE A 396 9.71 3.56 -1.25
N ALA A 397 8.96 4.66 -1.06
CA ALA A 397 9.48 5.90 -0.54
C ALA A 397 10.02 5.73 0.85
N HIS A 398 9.28 4.97 1.67
CA HIS A 398 9.62 4.72 3.07
C HIS A 398 10.85 3.83 3.20
N TRP A 399 10.88 2.76 2.43
CA TRP A 399 12.05 1.87 2.31
C TRP A 399 13.30 2.67 1.92
N ARG A 400 13.16 3.52 0.90
CA ARG A 400 14.32 4.33 0.46
C ARG A 400 14.76 5.30 1.54
N GLU A 401 13.78 5.82 2.26
CA GLU A 401 14.09 6.75 3.32
C GLU A 401 14.85 5.99 4.35
N MET A 402 14.29 4.85 4.69
CA MET A 402 14.85 4.03 5.74
C MET A 402 16.31 3.82 5.40
N HIS A 403 16.56 3.50 4.16
CA HIS A 403 17.92 3.34 3.72
C HIS A 403 18.82 4.54 3.79
N ASP A 404 18.29 5.73 3.54
CA ASP A 404 19.15 6.89 3.44
C ASP A 404 19.51 7.46 4.82
N GLU A 405 19.16 6.74 5.88
CA GLU A 405 19.31 7.26 7.24
C GLU A 405 20.75 7.13 7.77
N GLY A 406 21.06 7.89 8.85
CA GLY A 406 22.41 7.99 9.45
C GLY A 406 23.06 6.65 9.74
N ASP A 407 22.25 5.75 10.28
CA ASP A 407 22.30 4.33 9.94
C ASP A 407 21.15 3.69 10.69
N SER A 408 20.31 2.99 9.96
CA SER A 408 19.27 2.21 10.59
C SER A 408 19.93 1.02 11.27
N LYS A 409 19.25 0.49 12.26
CA LYS A 409 19.65 -0.75 12.91
C LYS A 409 18.44 -1.65 12.92
N ILE A 410 18.67 -2.96 13.07
CA ILE A 410 17.61 -3.94 12.90
C ILE A 410 16.56 -3.84 13.99
N GLY A 411 15.33 -4.20 13.60
CA GLY A 411 14.18 -4.20 14.52
C GLY A 411 14.20 -5.33 15.52
N ARG A 412 14.27 -4.98 16.80
CA ARG A 412 14.42 -5.92 17.91
C ARG A 412 13.42 -5.55 19.01
N PRO A 413 12.14 -5.82 18.80
CA PRO A 413 11.18 -5.46 19.85
C PRO A 413 11.25 -6.34 21.09
N ARG A 414 10.47 -5.97 22.11
CA ARG A 414 10.43 -6.70 23.33
C ARG A 414 9.12 -7.45 23.53
N GLN A 415 9.03 -8.09 24.69
CA GLN A 415 7.81 -8.71 25.17
C GLN A 415 7.72 -8.57 26.69
N ILE A 416 6.57 -8.92 27.23
CA ILE A 416 6.38 -9.03 28.65
C ILE A 416 6.21 -10.50 28.81
N TYR A 417 7.17 -11.17 29.44
CA TYR A 417 7.13 -12.62 29.47
C TYR A 417 6.10 -13.00 30.49
N THR A 418 5.22 -13.91 30.14
CA THR A 418 4.17 -14.26 31.06
C THR A 418 4.04 -15.77 31.26
N GLY A 419 5.10 -16.52 30.92
CA GLY A 419 5.13 -17.99 31.02
C GLY A 419 5.80 -18.65 32.24
N TYR A 420 6.28 -19.88 32.00
CA TYR A 420 6.76 -20.89 32.98
C TYR A 420 8.22 -20.78 33.38
N THR A 421 8.76 -21.81 34.10
CA THR A 421 10.18 -21.91 34.56
C THR A 421 10.83 -23.39 34.86
N GLU A 422 10.46 -24.42 34.09
CA GLU A 422 10.48 -25.94 34.42
C GLU A 422 11.62 -26.91 33.88
N ARG A 423 11.64 -28.19 34.32
CA ARG A 423 12.66 -29.19 33.88
C ARG A 423 12.17 -30.40 33.09
N ASP A 424 12.89 -30.81 32.05
CA ASP A 424 12.50 -31.91 31.13
C ASP A 424 12.25 -33.21 31.89
N TYR A 425 11.12 -33.83 31.63
CA TYR A 425 10.91 -35.16 32.12
C TYR A 425 10.66 -36.03 30.92
N VAL A 426 11.27 -37.21 30.94
CA VAL A 426 11.21 -38.14 29.83
C VAL A 426 9.75 -38.50 29.62
N THR A 427 9.42 -38.84 28.37
CA THR A 427 8.05 -38.78 27.87
C THR A 427 7.01 -39.66 28.54
N ILE A 428 7.44 -40.55 29.40
CA ILE A 428 6.49 -41.32 30.19
C ILE A 428 6.19 -40.61 31.51
#